data_5TZO
#
_entry.id   5TZO
#
_cell.length_a   56.070
_cell.length_b   73.250
_cell.length_c   136.640
_cell.angle_alpha   90.00
_cell.angle_beta   90.00
_cell.angle_gamma   90.00
#
_symmetry.space_group_name_H-M   'P 21 21 21'
#
loop_
_entity.id
_entity.type
_entity.pdbx_description
1 polymer 'Endo-1,4-beta-xylanase A'
2 non-polymer N-phenyl-N-[1-(2-phenylethyl)piperidin-4-yl]propanamide
3 non-polymer 'POTASSIUM ION'
4 non-polymer 'CHLORIDE ION'
5 water water
#
_entity_poly.entity_id   1
_entity_poly.type   'polypeptide(L)'
_entity_poly.pdbx_seq_one_letter_code
;GPHMSTDYWLNFTDGGGIVNAVNGSGGNYSVNWSNTGSFVVGKGWTTGSPFRTINYNAGVWAPNGWGALALVGWTRSPLI
AYYVVDSWGTARWTGTYKGTVKSDGGTYDIYTTTRYNAPSIDGDRTTFTQYWSVRQSKRPTGSNATITFSNHVNAWKSHG
MNLGSNWAYQVMATAGYQSSGSSNVTVW
;
_entity_poly.pdbx_strand_id   A,B,C
#
# COMPACT_ATOMS: atom_id res chain seq x y z
N MET A 4 -6.63 8.50 -12.27
CA MET A 4 -6.07 7.81 -11.08
C MET A 4 -4.69 7.24 -11.43
N SER A 5 -3.65 7.82 -10.83
N SER A 5 -3.64 7.82 -10.84
CA SER A 5 -2.29 7.45 -11.18
CA SER A 5 -2.29 7.45 -11.19
C SER A 5 -1.93 6.10 -10.55
C SER A 5 -1.93 6.10 -10.55
N THR A 6 -0.94 5.45 -11.14
CA THR A 6 -0.49 4.17 -10.63
C THR A 6 0.09 4.34 -9.23
N ASP A 7 0.02 3.27 -8.46
CA ASP A 7 0.57 3.30 -7.10
C ASP A 7 1.16 1.95 -6.71
N TYR A 8 1.51 1.11 -7.68
CA TYR A 8 1.98 -0.24 -7.38
C TYR A 8 3.09 -0.66 -8.34
N TRP A 9 4.12 -1.28 -7.78
CA TRP A 9 5.26 -1.81 -8.52
C TRP A 9 5.32 -3.33 -8.32
N LEU A 10 4.96 -4.08 -9.36
CA LEU A 10 5.00 -5.54 -9.37
C LEU A 10 6.35 -6.02 -9.92
N ASN A 11 7.06 -6.85 -9.16
CA ASN A 11 8.37 -7.32 -9.59
C ASN A 11 8.55 -8.71 -8.98
N PHE A 12 8.21 -9.75 -9.78
CA PHE A 12 8.19 -11.13 -9.31
C PHE A 12 8.89 -12.05 -10.31
N THR A 13 9.71 -12.97 -9.80
N THR A 13 9.69 -12.98 -9.79
CA THR A 13 10.26 -14.05 -10.61
CA THR A 13 10.29 -14.04 -10.59
C THR A 13 10.39 -15.30 -9.74
C THR A 13 10.41 -15.31 -9.74
N ASP A 14 10.44 -16.46 -10.41
CA ASP A 14 10.71 -17.71 -9.73
C ASP A 14 12.20 -17.95 -9.55
N GLY A 15 13.06 -17.05 -10.02
CA GLY A 15 14.49 -17.14 -9.82
C GLY A 15 15.27 -17.63 -11.02
N GLY A 16 14.62 -18.12 -12.06
CA GLY A 16 15.33 -18.61 -13.24
C GLY A 16 15.79 -17.48 -14.13
N GLY A 17 16.97 -17.65 -14.73
CA GLY A 17 17.51 -16.68 -15.66
C GLY A 17 17.72 -15.33 -15.02
N ILE A 18 17.67 -14.30 -15.86
CA ILE A 18 17.86 -12.91 -15.44
C ILE A 18 16.60 -12.13 -15.76
N VAL A 19 16.09 -11.38 -14.78
CA VAL A 19 15.00 -10.42 -14.98
C VAL A 19 15.46 -9.11 -14.32
N ASN A 20 16.04 -8.22 -15.11
N ASN A 20 16.01 -8.21 -15.12
CA ASN A 20 16.52 -6.93 -14.61
CA ASN A 20 16.51 -6.92 -14.65
C ASN A 20 15.42 -5.91 -14.84
C ASN A 20 15.41 -5.89 -14.84
N ALA A 21 14.66 -5.62 -13.78
CA ALA A 21 13.50 -4.75 -13.84
C ALA A 21 13.83 -3.41 -13.20
N VAL A 22 13.41 -2.32 -13.84
CA VAL A 22 13.74 -0.98 -13.37
C VAL A 22 12.43 -0.26 -13.04
N ASN A 23 12.30 0.16 -11.79
CA ASN A 23 11.18 0.96 -11.31
C ASN A 23 11.43 2.40 -11.76
N GLY A 24 10.77 2.81 -12.84
CA GLY A 24 10.97 4.13 -13.42
C GLY A 24 10.11 5.19 -12.77
N SER A 25 10.19 6.39 -13.36
CA SER A 25 9.41 7.52 -12.84
C SER A 25 7.93 7.30 -13.08
N GLY A 26 7.13 7.63 -12.07
CA GLY A 26 5.68 7.54 -12.20
C GLY A 26 5.25 6.14 -12.59
N GLY A 27 4.58 6.02 -13.72
CA GLY A 27 4.09 4.72 -14.17
C GLY A 27 5.01 4.03 -15.16
N ASN A 28 6.25 4.48 -15.28
CA ASN A 28 7.17 3.91 -16.25
C ASN A 28 8.00 2.82 -15.61
N TYR A 29 8.35 1.82 -16.42
CA TYR A 29 9.28 0.79 -16.01
C TYR A 29 9.96 0.19 -17.23
N SER A 30 11.09 -0.46 -16.99
N SER A 30 11.08 -0.46 -16.98
N SER A 30 11.09 -0.47 -16.98
CA SER A 30 11.81 -1.17 -18.03
CA SER A 30 11.86 -1.14 -18.01
CA SER A 30 11.86 -1.15 -18.00
C SER A 30 12.15 -2.56 -17.56
C SER A 30 12.15 -2.57 -17.54
C SER A 30 12.13 -2.57 -17.55
N VAL A 31 12.26 -3.49 -18.51
CA VAL A 31 12.65 -4.86 -18.23
C VAL A 31 13.62 -5.31 -19.32
N ASN A 32 14.70 -5.95 -18.91
CA ASN A 32 15.56 -6.75 -19.76
C ASN A 32 15.66 -8.13 -19.13
N TRP A 33 15.34 -9.17 -19.90
CA TRP A 33 15.27 -10.52 -19.34
C TRP A 33 15.89 -11.52 -20.30
N SER A 34 16.36 -12.64 -19.75
N SER A 34 16.33 -12.65 -19.75
CA SER A 34 16.99 -13.66 -20.57
CA SER A 34 17.02 -13.67 -20.54
C SER A 34 16.90 -15.02 -19.88
C SER A 34 16.88 -15.02 -19.87
N ASN A 35 16.62 -16.05 -20.68
CA ASN A 35 16.59 -17.43 -20.23
C ASN A 35 15.81 -17.58 -18.92
N THR A 36 14.63 -16.97 -18.89
CA THR A 36 13.88 -16.86 -17.65
C THR A 36 13.18 -18.16 -17.30
N GLY A 37 12.78 -18.25 -16.04
CA GLY A 37 11.70 -19.11 -15.64
C GLY A 37 10.43 -18.31 -15.79
N SER A 38 9.62 -18.27 -14.75
CA SER A 38 8.35 -17.55 -14.77
C SER A 38 8.55 -16.19 -14.11
N PHE A 39 8.08 -15.12 -14.75
CA PHE A 39 8.21 -13.79 -14.15
C PHE A 39 7.05 -12.88 -14.58
N VAL A 40 6.80 -11.86 -13.78
CA VAL A 40 5.91 -10.75 -14.13
C VAL A 40 6.43 -9.48 -13.51
N VAL A 41 6.42 -8.40 -14.29
CA VAL A 41 6.89 -7.08 -13.86
C VAL A 41 5.98 -6.01 -14.44
N GLY A 42 5.69 -4.98 -13.66
CA GLY A 42 5.01 -3.83 -14.22
C GLY A 42 4.50 -2.88 -13.17
N LYS A 43 4.07 -1.72 -13.66
CA LYS A 43 3.42 -0.71 -12.86
C LYS A 43 1.90 -0.81 -12.98
N GLY A 44 1.22 -0.46 -11.92
CA GLY A 44 -0.24 -0.49 -11.93
C GLY A 44 -0.81 -0.01 -10.63
N TRP A 45 -1.87 -0.67 -10.19
CA TRP A 45 -2.67 -0.24 -9.06
C TRP A 45 -2.74 -1.34 -8.01
N THR A 46 -2.65 -0.91 -6.75
CA THR A 46 -2.70 -1.81 -5.61
C THR A 46 -4.03 -2.55 -5.55
N THR A 47 -5.12 -1.86 -5.89
CA THR A 47 -6.46 -2.43 -5.93
C THR A 47 -7.01 -2.31 -7.34
N GLY A 48 -7.26 -3.45 -7.98
CA GLY A 48 -7.86 -3.43 -9.31
C GLY A 48 -9.31 -3.01 -9.28
N SER A 49 -9.80 -2.63 -10.45
CA SER A 49 -11.20 -2.26 -10.58
C SER A 49 -11.75 -2.79 -11.90
N PRO A 50 -12.99 -3.29 -11.91
CA PRO A 50 -13.62 -3.65 -13.19
C PRO A 50 -14.04 -2.46 -14.03
N PHE A 51 -13.94 -1.24 -13.50
CA PHE A 51 -14.35 -0.05 -14.23
C PHE A 51 -13.17 0.78 -14.70
N ARG A 52 -11.94 0.35 -14.41
CA ARG A 52 -10.77 1.14 -14.78
C ARG A 52 -10.51 1.03 -16.28
N THR A 53 -10.24 2.18 -16.89
CA THR A 53 -9.66 2.24 -18.22
C THR A 53 -8.16 2.43 -18.06
N ILE A 54 -7.38 1.47 -18.54
CA ILE A 54 -5.93 1.47 -18.38
C ILE A 54 -5.31 2.08 -19.63
N ASN A 55 -4.41 3.04 -19.45
CA ASN A 55 -3.67 3.63 -20.57
C ASN A 55 -2.22 3.19 -20.47
N TYR A 56 -1.60 2.92 -21.62
CA TYR A 56 -0.18 2.64 -21.58
C TYR A 56 0.45 3.01 -22.91
N ASN A 57 1.78 3.11 -22.89
CA ASN A 57 2.58 3.22 -24.10
C ASN A 57 3.81 2.36 -23.89
N ALA A 58 3.87 1.24 -24.61
CA ALA A 58 5.04 0.35 -24.62
C ALA A 58 6.03 0.89 -25.65
N GLY A 59 6.96 1.71 -25.18
CA GLY A 59 7.90 2.36 -26.08
C GLY A 59 8.97 1.41 -26.62
N VAL A 60 9.29 0.37 -25.86
CA VAL A 60 10.14 -0.72 -26.35
C VAL A 60 9.40 -2.01 -26.09
N TRP A 61 9.27 -2.81 -27.15
CA TRP A 61 8.63 -4.12 -27.03
C TRP A 61 9.38 -5.08 -27.96
N ALA A 62 10.22 -5.94 -27.38
CA ALA A 62 11.05 -6.87 -28.15
C ALA A 62 11.14 -8.19 -27.42
N PRO A 63 10.03 -8.94 -27.37
CA PRO A 63 10.04 -10.24 -26.69
C PRO A 63 10.53 -11.36 -27.58
N ASN A 64 11.02 -12.42 -26.93
CA ASN A 64 11.37 -13.67 -27.59
C ASN A 64 10.75 -14.80 -26.78
N GLY A 65 10.18 -15.77 -27.48
CA GLY A 65 9.51 -16.83 -26.73
C GLY A 65 8.23 -16.32 -26.10
N TRP A 66 7.83 -16.97 -25.00
CA TRP A 66 6.53 -16.70 -24.39
C TRP A 66 6.64 -15.54 -23.41
N GLY A 67 6.98 -14.39 -23.97
CA GLY A 67 6.96 -13.12 -23.26
C GLY A 67 5.81 -12.30 -23.80
N ALA A 68 5.07 -11.66 -22.91
CA ALA A 68 3.81 -11.03 -23.26
C ALA A 68 3.65 -9.67 -22.60
N LEU A 69 2.93 -8.81 -23.31
CA LEU A 69 2.54 -7.48 -22.86
C LEU A 69 1.05 -7.59 -22.56
N ALA A 70 0.69 -7.48 -21.28
CA ALA A 70 -0.67 -7.80 -20.89
C ALA A 70 -1.08 -7.03 -19.64
N LEU A 71 -2.37 -6.71 -19.57
CA LEU A 71 -2.96 -6.35 -18.29
C LEU A 71 -3.07 -7.63 -17.46
N VAL A 72 -2.54 -7.61 -16.25
CA VAL A 72 -2.57 -8.77 -15.37
C VAL A 72 -3.15 -8.36 -14.02
N GLY A 73 -3.84 -9.28 -13.38
CA GLY A 73 -4.36 -8.97 -12.07
C GLY A 73 -4.98 -10.20 -11.44
N TRP A 74 -5.47 -10.00 -10.22
CA TRP A 74 -6.08 -11.08 -9.46
C TRP A 74 -7.31 -10.56 -8.73
N THR A 75 -8.22 -11.48 -8.45
CA THR A 75 -9.18 -11.33 -7.38
C THR A 75 -9.00 -12.47 -6.39
N ARG A 76 -9.53 -12.26 -5.18
CA ARG A 76 -9.77 -13.32 -4.21
C ARG A 76 -11.27 -13.48 -4.02
N SER A 77 -11.66 -14.61 -3.43
N SER A 77 -11.65 -14.61 -3.42
CA SER A 77 -13.06 -14.92 -3.15
CA SER A 77 -13.04 -14.94 -3.13
C SER A 77 -13.90 -14.92 -4.43
C SER A 77 -13.89 -14.92 -4.41
N PRO A 78 -13.61 -15.80 -5.38
CA PRO A 78 -12.52 -16.79 -5.36
C PRO A 78 -11.21 -16.28 -5.96
N LEU A 79 -10.16 -17.07 -5.78
CA LEU A 79 -8.84 -16.75 -6.32
C LEU A 79 -8.82 -16.96 -7.82
N ILE A 80 -8.69 -15.85 -8.56
CA ILE A 80 -8.72 -15.87 -10.01
C ILE A 80 -7.65 -14.91 -10.51
N ALA A 81 -6.81 -15.38 -11.44
CA ALA A 81 -5.89 -14.54 -12.18
C ALA A 81 -6.49 -14.22 -13.54
N TYR A 82 -6.33 -12.98 -14.00
CA TYR A 82 -6.85 -12.61 -15.30
C TYR A 82 -5.78 -11.91 -16.12
N TYR A 83 -5.97 -11.99 -17.44
CA TYR A 83 -5.02 -11.52 -18.45
C TYR A 83 -5.77 -10.86 -19.60
N VAL A 84 -5.33 -9.67 -20.00
CA VAL A 84 -5.72 -9.09 -21.29
C VAL A 84 -4.41 -8.92 -22.07
N VAL A 85 -4.16 -9.83 -22.99
CA VAL A 85 -2.89 -9.91 -23.71
C VAL A 85 -2.99 -9.11 -25.01
N ASP A 86 -2.13 -8.10 -25.15
CA ASP A 86 -2.12 -7.29 -26.37
C ASP A 86 -1.01 -7.67 -27.35
N SER A 87 0.13 -8.16 -26.87
CA SER A 87 1.19 -8.60 -27.76
C SER A 87 2.03 -9.65 -27.06
N TRP A 88 2.90 -10.31 -27.82
CA TRP A 88 3.71 -11.41 -27.30
C TRP A 88 4.78 -11.74 -28.32
N GLY A 89 5.70 -12.63 -27.93
CA GLY A 89 6.72 -13.08 -28.86
C GLY A 89 6.27 -14.26 -29.69
N THR A 90 6.38 -15.45 -29.10
CA THR A 90 5.82 -16.67 -29.65
C THR A 90 5.03 -17.36 -28.54
N ALA A 91 3.76 -17.64 -28.81
CA ALA A 91 2.85 -18.13 -27.76
C ALA A 91 1.66 -18.83 -28.41
N ARG A 92 1.61 -20.15 -28.29
CA ARG A 92 0.58 -20.99 -28.89
C ARG A 92 -0.57 -21.16 -27.92
N TRP A 93 -1.54 -20.23 -27.99
CA TRP A 93 -2.65 -20.20 -27.05
C TRP A 93 -3.58 -21.40 -27.27
N THR A 94 -4.01 -22.03 -26.17
CA THR A 94 -4.85 -23.21 -26.28
C THR A 94 -5.55 -23.46 -24.95
N GLY A 95 -6.76 -24.00 -25.03
CA GLY A 95 -7.53 -24.34 -23.86
C GLY A 95 -9.01 -24.11 -24.08
N THR A 96 -9.76 -24.15 -22.98
CA THR A 96 -11.17 -23.83 -23.02
C THR A 96 -11.34 -22.45 -23.63
N TYR A 97 -12.28 -22.36 -24.59
CA TYR A 97 -12.44 -21.17 -25.44
C TYR A 97 -13.92 -20.81 -25.46
N LYS A 98 -14.22 -19.55 -25.16
CA LYS A 98 -15.59 -19.15 -24.84
C LYS A 98 -16.20 -18.15 -25.82
N GLY A 99 -15.42 -17.57 -26.70
CA GLY A 99 -15.94 -16.61 -27.66
C GLY A 99 -14.95 -15.50 -27.87
N THR A 100 -15.45 -14.35 -28.30
CA THR A 100 -14.59 -13.20 -28.57
C THR A 100 -15.23 -11.94 -28.00
N VAL A 101 -14.40 -10.91 -27.83
CA VAL A 101 -14.84 -9.59 -27.42
C VAL A 101 -14.07 -8.55 -28.22
N LYS A 102 -14.79 -7.52 -28.67
CA LYS A 102 -14.19 -6.39 -29.36
C LYS A 102 -13.95 -5.27 -28.36
N SER A 103 -12.72 -4.77 -28.33
CA SER A 103 -12.40 -3.68 -27.40
C SER A 103 -11.17 -2.96 -27.91
N ASP A 104 -11.24 -1.64 -27.87
CA ASP A 104 -10.06 -0.79 -28.09
C ASP A 104 -9.41 -1.08 -29.44
N GLY A 105 -10.26 -1.23 -30.47
CA GLY A 105 -9.79 -1.40 -31.83
C GLY A 105 -9.34 -2.79 -32.18
N GLY A 106 -9.43 -3.75 -31.25
CA GLY A 106 -9.03 -5.12 -31.50
C GLY A 106 -10.12 -6.11 -31.14
N THR A 107 -9.91 -7.35 -31.58
CA THR A 107 -10.77 -8.47 -31.21
C THR A 107 -9.94 -9.46 -30.41
N TYR A 108 -10.53 -9.98 -29.34
CA TYR A 108 -9.80 -10.87 -28.44
C TYR A 108 -10.51 -12.21 -28.30
N ASP A 109 -9.71 -13.27 -28.35
CA ASP A 109 -10.16 -14.61 -28.03
C ASP A 109 -10.21 -14.81 -26.53
N ILE A 110 -11.29 -15.45 -26.05
CA ILE A 110 -11.53 -15.61 -24.62
C ILE A 110 -11.24 -17.05 -24.24
N TYR A 111 -10.36 -17.24 -23.26
CA TYR A 111 -10.02 -18.56 -22.76
C TYR A 111 -10.15 -18.61 -21.25
N THR A 112 -10.28 -19.83 -20.74
N THR A 112 -10.24 -19.83 -20.73
CA THR A 112 -10.13 -20.10 -19.31
CA THR A 112 -10.13 -20.06 -19.29
C THR A 112 -9.17 -21.27 -19.14
C THR A 112 -9.28 -21.29 -19.05
N THR A 113 -8.35 -21.19 -18.10
CA THR A 113 -7.47 -22.28 -17.74
C THR A 113 -7.45 -22.45 -16.23
N THR A 114 -6.98 -23.60 -15.78
CA THR A 114 -6.90 -23.92 -14.37
C THR A 114 -5.46 -24.27 -14.01
N ARG A 115 -5.04 -23.88 -12.82
CA ARG A 115 -3.72 -24.20 -12.32
C ARG A 115 -3.84 -24.80 -10.92
N TYR A 116 -2.99 -25.77 -10.62
CA TYR A 116 -2.94 -26.33 -9.27
C TYR A 116 -1.49 -26.60 -8.91
N ASN A 117 -1.25 -26.71 -7.61
CA ASN A 117 0.11 -26.78 -7.07
C ASN A 117 0.96 -25.68 -7.69
N ALA A 118 0.39 -24.47 -7.82
CA ALA A 118 1.03 -23.41 -8.56
C ALA A 118 1.20 -22.15 -7.71
N PRO A 119 2.25 -21.37 -7.96
CA PRO A 119 2.42 -20.10 -7.25
C PRO A 119 1.32 -19.09 -7.58
N SER A 120 0.93 -18.34 -6.56
CA SER A 120 -0.07 -17.28 -6.68
C SER A 120 0.22 -16.26 -5.60
N ILE A 121 -0.61 -15.21 -5.56
CA ILE A 121 -0.55 -14.24 -4.48
C ILE A 121 -0.96 -14.83 -3.14
N ASP A 122 -1.45 -16.08 -3.11
CA ASP A 122 -1.79 -16.75 -1.86
C ASP A 122 -0.73 -17.74 -1.40
N GLY A 123 0.24 -18.08 -2.23
CA GLY A 123 1.26 -19.01 -1.82
C GLY A 123 1.90 -19.72 -3.00
N ASP A 124 2.85 -20.60 -2.67
CA ASP A 124 3.65 -21.26 -3.69
C ASP A 124 2.95 -22.44 -4.34
N ARG A 125 1.96 -23.05 -3.66
CA ARG A 125 1.30 -24.26 -4.17
C ARG A 125 -0.20 -24.09 -3.96
N THR A 126 -0.85 -23.40 -4.90
CA THR A 126 -2.26 -23.07 -4.77
C THR A 126 -3.00 -23.47 -6.04
N THR A 127 -4.33 -23.44 -5.93
CA THR A 127 -5.21 -23.76 -7.06
C THR A 127 -5.99 -22.52 -7.43
N PHE A 128 -6.07 -22.22 -8.72
CA PHE A 128 -6.83 -21.06 -9.15
C PHE A 128 -7.23 -21.22 -10.60
N THR A 129 -8.22 -20.44 -11.00
CA THR A 129 -8.65 -20.29 -12.37
C THR A 129 -8.01 -19.04 -12.96
N GLN A 130 -7.77 -19.09 -14.28
CA GLN A 130 -7.23 -17.98 -15.04
C GLN A 130 -8.23 -17.61 -16.14
N TYR A 131 -8.55 -16.32 -16.25
CA TYR A 131 -9.36 -15.82 -17.35
C TYR A 131 -8.48 -15.07 -18.34
N TRP A 132 -8.73 -15.26 -19.64
CA TRP A 132 -7.89 -14.67 -20.67
C TRP A 132 -8.73 -13.98 -21.73
N SER A 133 -8.28 -12.78 -22.12
CA SER A 133 -8.58 -12.19 -23.41
C SER A 133 -7.26 -12.06 -24.16
N VAL A 134 -7.15 -12.73 -25.30
CA VAL A 134 -5.91 -12.71 -26.09
C VAL A 134 -6.22 -12.09 -27.45
N ARG A 135 -5.55 -10.98 -27.77
CA ARG A 135 -5.82 -10.30 -29.02
C ARG A 135 -5.50 -11.21 -30.20
N GLN A 136 -6.35 -11.16 -31.23
CA GLN A 136 -6.21 -12.10 -32.36
C GLN A 136 -5.01 -11.77 -33.21
N SER A 137 -4.62 -10.51 -33.26
N SER A 137 -4.64 -10.50 -33.28
CA SER A 137 -3.37 -10.07 -33.88
CA SER A 137 -3.39 -10.03 -33.88
C SER A 137 -2.63 -9.19 -32.89
C SER A 137 -2.63 -9.24 -32.83
N LYS A 138 -1.31 -9.29 -32.90
CA LYS A 138 -0.49 -8.49 -31.99
C LYS A 138 -0.79 -7.00 -32.17
N ARG A 139 -0.97 -6.29 -31.06
CA ARG A 139 -1.32 -4.87 -31.11
C ARG A 139 -0.07 -4.06 -31.43
N PRO A 140 -0.17 -3.06 -32.31
CA PRO A 140 0.99 -2.18 -32.52
C PRO A 140 1.36 -1.49 -31.22
N THR A 141 2.66 -1.29 -31.00
CA THR A 141 3.19 -0.65 -29.81
C THR A 141 3.93 0.63 -30.19
N GLY A 142 4.14 1.49 -29.20
CA GLY A 142 4.89 2.72 -29.38
C GLY A 142 4.04 3.97 -29.34
N SER A 143 2.73 3.85 -29.43
CA SER A 143 1.78 4.94 -29.29
C SER A 143 0.88 4.67 -28.09
N ASN A 144 0.16 5.70 -27.67
CA ASN A 144 -0.75 5.51 -26.55
C ASN A 144 -1.84 4.50 -26.91
N ALA A 145 -2.10 3.59 -25.97
CA ALA A 145 -3.06 2.52 -26.15
C ALA A 145 -3.96 2.47 -24.91
N THR A 146 -5.21 2.07 -25.12
CA THR A 146 -6.14 1.93 -24.01
C THR A 146 -6.63 0.49 -23.92
N ILE A 147 -6.82 0.02 -22.70
CA ILE A 147 -7.56 -1.22 -22.44
C ILE A 147 -8.76 -0.83 -21.59
N THR A 148 -9.93 -0.86 -22.20
CA THR A 148 -11.19 -0.58 -21.52
C THR A 148 -11.63 -1.88 -20.85
N PHE A 149 -11.14 -2.07 -19.62
CA PHE A 149 -11.23 -3.37 -18.97
C PHE A 149 -12.66 -3.82 -18.73
N SER A 150 -13.59 -2.88 -18.52
N SER A 150 -13.59 -2.87 -18.54
CA SER A 150 -14.99 -3.27 -18.32
CA SER A 150 -14.98 -3.22 -18.34
C SER A 150 -15.53 -4.07 -19.50
C SER A 150 -15.52 -4.06 -19.50
N ASN A 151 -15.05 -3.80 -20.73
CA ASN A 151 -15.51 -4.57 -21.89
C ASN A 151 -15.15 -6.04 -21.74
N HIS A 152 -13.98 -6.32 -21.15
CA HIS A 152 -13.54 -7.70 -20.96
C HIS A 152 -14.27 -8.35 -19.79
N VAL A 153 -14.38 -7.64 -18.67
CA VAL A 153 -15.12 -8.16 -17.52
C VAL A 153 -16.53 -8.57 -17.96
N ASN A 154 -17.18 -7.72 -18.75
CA ASN A 154 -18.56 -7.99 -19.16
C ASN A 154 -18.64 -9.15 -20.13
N ALA A 155 -17.70 -9.24 -21.09
CA ALA A 155 -17.70 -10.37 -22.00
C ALA A 155 -17.50 -11.66 -21.24
N TRP A 156 -16.50 -11.68 -20.35
CA TRP A 156 -16.29 -12.84 -19.50
C TRP A 156 -17.55 -13.20 -18.72
N LYS A 157 -18.21 -12.19 -18.14
CA LYS A 157 -19.42 -12.46 -17.37
C LYS A 157 -20.46 -13.18 -18.22
N SER A 158 -20.63 -12.73 -19.46
CA SER A 158 -21.63 -13.29 -20.35
C SER A 158 -21.33 -14.75 -20.70
N HIS A 159 -20.13 -15.23 -20.42
CA HIS A 159 -19.78 -16.62 -20.67
C HIS A 159 -19.56 -17.39 -19.37
N GLY A 160 -20.12 -16.91 -18.27
CA GLY A 160 -20.02 -17.60 -17.00
C GLY A 160 -18.70 -17.43 -16.28
N MET A 161 -17.83 -16.53 -16.75
CA MET A 161 -16.56 -16.26 -16.08
C MET A 161 -16.76 -15.02 -15.20
N ASN A 162 -17.11 -15.25 -13.94
CA ASN A 162 -17.28 -14.18 -12.97
C ASN A 162 -16.02 -14.05 -12.13
N LEU A 163 -15.62 -12.81 -11.90
CA LEU A 163 -14.45 -12.54 -11.09
C LEU A 163 -14.83 -12.55 -9.60
N GLY A 164 -13.82 -12.67 -8.76
CA GLY A 164 -14.03 -12.63 -7.32
C GLY A 164 -14.42 -11.24 -6.84
N SER A 165 -14.80 -11.19 -5.55
CA SER A 165 -15.27 -9.95 -4.94
C SER A 165 -14.14 -9.09 -4.38
N ASN A 166 -12.98 -9.67 -4.07
CA ASN A 166 -11.89 -8.96 -3.41
C ASN A 166 -10.75 -8.76 -4.40
N TRP A 167 -10.57 -7.52 -4.84
CA TRP A 167 -9.65 -7.20 -5.91
C TRP A 167 -8.24 -6.94 -5.37
N ALA A 168 -7.27 -7.64 -5.94
CA ALA A 168 -5.86 -7.44 -5.62
C ALA A 168 -5.24 -6.57 -6.69
N TYR A 169 -3.94 -6.70 -6.95
CA TYR A 169 -3.28 -5.76 -7.85
C TYR A 169 -3.80 -5.87 -9.28
N GLN A 170 -3.50 -4.84 -10.06
CA GLN A 170 -3.95 -4.72 -11.44
C GLN A 170 -2.88 -3.94 -12.17
N VAL A 171 -2.14 -4.61 -13.05
CA VAL A 171 -0.88 -4.09 -13.56
C VAL A 171 -0.83 -4.28 -15.07
N MET A 172 -0.30 -3.28 -15.77
CA MET A 172 0.04 -3.43 -17.18
C MET A 172 1.46 -3.98 -17.24
N ALA A 173 1.60 -5.26 -17.58
CA ALA A 173 2.81 -5.99 -17.27
C ALA A 173 3.56 -6.46 -18.50
N THR A 174 4.83 -6.76 -18.26
CA THR A 174 5.63 -7.69 -19.04
C THR A 174 5.69 -8.99 -18.24
N ALA A 175 5.16 -10.06 -18.81
CA ALA A 175 5.10 -11.36 -18.16
C ALA A 175 5.74 -12.38 -19.07
N GLY A 176 6.45 -13.37 -18.50
CA GLY A 176 7.08 -14.35 -19.36
C GLY A 176 7.34 -15.70 -18.72
N TYR A 177 7.67 -16.65 -19.59
CA TYR A 177 8.08 -18.01 -19.23
C TYR A 177 9.09 -18.52 -20.25
N GLN A 178 10.26 -18.94 -19.79
CA GLN A 178 11.32 -19.44 -20.66
C GLN A 178 11.53 -18.50 -21.85
N SER A 179 11.76 -17.23 -21.52
CA SER A 179 11.72 -16.14 -22.47
C SER A 179 12.96 -15.28 -22.33
N SER A 180 13.17 -14.42 -23.33
N SER A 180 13.16 -14.41 -23.32
CA SER A 180 14.20 -13.39 -23.30
CA SER A 180 14.19 -13.38 -23.28
C SER A 180 13.61 -12.17 -23.98
C SER A 180 13.64 -12.18 -24.01
N GLY A 181 14.16 -11.01 -23.71
CA GLY A 181 13.72 -9.82 -24.42
C GLY A 181 14.00 -8.53 -23.67
N SER A 182 13.35 -7.48 -24.17
CA SER A 182 13.50 -6.14 -23.61
C SER A 182 12.18 -5.40 -23.75
N SER A 183 11.82 -4.63 -22.73
CA SER A 183 10.59 -3.86 -22.77
C SER A 183 10.72 -2.58 -21.96
N ASN A 184 9.91 -1.59 -22.35
CA ASN A 184 9.83 -0.34 -21.62
C ASN A 184 8.43 0.16 -21.80
N VAL A 185 7.72 0.37 -20.69
CA VAL A 185 6.29 0.64 -20.73
C VAL A 185 5.96 1.73 -19.72
N THR A 186 5.08 2.64 -20.11
CA THR A 186 4.54 3.65 -19.21
C THR A 186 3.04 3.41 -19.07
N VAL A 187 2.54 3.55 -17.84
CA VAL A 187 1.21 3.12 -17.47
C VAL A 187 0.55 4.24 -16.69
N TRP A 188 -0.69 4.57 -17.05
CA TRP A 188 -1.43 5.58 -16.30
C TRP A 188 -2.93 5.38 -16.43
N MET B 4 25.92 13.04 18.96
CA MET B 4 26.17 11.95 19.95
C MET B 4 26.49 10.64 19.23
N SER B 5 27.49 9.94 19.74
CA SER B 5 27.88 8.68 19.14
C SER B 5 26.86 7.60 19.51
N THR B 6 27.06 6.43 18.93
CA THR B 6 26.08 5.36 19.09
C THR B 6 26.04 4.87 20.54
N ASP B 7 24.88 4.32 20.93
CA ASP B 7 24.70 3.77 22.27
C ASP B 7 23.75 2.58 22.26
N TYR B 8 23.65 1.86 21.13
CA TYR B 8 22.67 0.78 21.02
C TYR B 8 23.23 -0.35 20.16
N TRP B 9 23.00 -1.58 20.62
CA TRP B 9 23.39 -2.82 19.95
C TRP B 9 22.12 -3.61 19.65
N LEU B 10 21.79 -3.74 18.38
CA LEU B 10 20.66 -4.53 17.92
C LEU B 10 21.16 -5.90 17.49
N ASN B 11 20.56 -6.94 18.03
CA ASN B 11 20.97 -8.30 17.69
C ASN B 11 19.73 -9.19 17.79
N PHE B 12 19.11 -9.45 16.64
CA PHE B 12 17.87 -10.20 16.57
C PHE B 12 17.91 -11.24 15.48
N THR B 13 17.42 -12.44 15.80
N THR B 13 17.38 -12.43 15.78
CA THR B 13 17.18 -13.48 14.79
CA THR B 13 17.20 -13.49 14.80
C THR B 13 15.89 -14.20 15.15
C THR B 13 15.98 -14.31 15.18
N ASP B 14 15.36 -14.93 14.18
CA ASP B 14 14.25 -15.84 14.40
C ASP B 14 14.73 -17.25 14.73
N GLY B 15 16.05 -17.44 14.87
CA GLY B 15 16.61 -18.72 15.24
C GLY B 15 17.18 -19.52 14.09
N GLY B 16 16.87 -19.14 12.85
CA GLY B 16 17.30 -19.93 11.70
C GLY B 16 18.77 -19.74 11.37
N GLY B 17 19.41 -20.84 10.98
CA GLY B 17 20.78 -20.82 10.50
C GLY B 17 21.77 -20.28 11.50
N ILE B 18 22.86 -19.71 10.98
CA ILE B 18 23.94 -19.13 11.77
C ILE B 18 23.93 -17.62 11.58
N VAL B 19 23.88 -16.89 12.68
CA VAL B 19 24.08 -15.44 12.65
C VAL B 19 25.11 -15.10 13.73
N ASN B 20 26.39 -15.06 13.34
N ASN B 20 26.38 -15.04 13.34
CA ASN B 20 27.46 -14.70 14.26
CA ASN B 20 27.46 -14.71 14.26
C ASN B 20 27.59 -13.18 14.24
C ASN B 20 27.63 -13.19 14.28
N ALA B 21 26.98 -12.55 15.24
CA ALA B 21 26.99 -11.10 15.37
C ALA B 21 28.06 -10.67 16.36
N VAL B 22 28.94 -9.77 15.93
CA VAL B 22 30.05 -9.33 16.76
C VAL B 22 29.82 -7.89 17.18
N ASN B 23 29.70 -7.68 18.48
CA ASN B 23 29.57 -6.33 19.05
C ASN B 23 30.98 -5.78 19.23
N GLY B 24 31.43 -4.96 18.27
CA GLY B 24 32.77 -4.42 18.30
C GLY B 24 32.89 -3.16 19.13
N SER B 25 34.06 -2.53 19.02
N SER B 25 34.06 -2.54 19.03
CA SER B 25 34.33 -1.33 19.78
CA SER B 25 34.33 -1.34 19.80
C SER B 25 33.53 -0.14 19.24
C SER B 25 33.56 -0.15 19.25
N GLY B 26 33.11 0.72 20.15
CA GLY B 26 32.37 1.92 19.77
C GLY B 26 31.21 1.62 18.86
N GLY B 27 31.18 2.27 17.70
CA GLY B 27 30.11 2.05 16.75
C GLY B 27 30.36 0.96 15.74
N ASN B 28 31.38 0.13 15.93
CA ASN B 28 31.71 -0.90 14.96
C ASN B 28 31.02 -2.22 15.30
N TYR B 29 30.68 -2.96 14.26
CA TYR B 29 30.18 -4.32 14.42
C TYR B 29 30.49 -5.11 13.15
N SER B 30 30.36 -6.42 13.25
CA SER B 30 30.52 -7.28 12.09
C SER B 30 29.56 -8.45 12.22
N VAL B 31 29.32 -9.13 11.09
CA VAL B 31 28.35 -10.21 11.01
C VAL B 31 28.84 -11.24 10.00
N ASN B 32 28.86 -12.50 10.43
CA ASN B 32 28.96 -13.67 9.56
C ASN B 32 27.64 -14.41 9.63
N TRP B 33 26.96 -14.58 8.50
CA TRP B 33 25.68 -15.27 8.53
C TRP B 33 25.57 -16.28 7.39
N SER B 34 24.76 -17.31 7.61
CA SER B 34 24.57 -18.33 6.58
C SER B 34 23.26 -19.08 6.82
N ASN B 35 22.55 -19.36 5.73
CA ASN B 35 21.33 -20.18 5.77
C ASN B 35 20.35 -19.69 6.82
N THR B 36 20.22 -18.36 6.91
CA THR B 36 19.45 -17.73 7.97
C THR B 36 17.95 -17.85 7.71
N GLY B 37 17.19 -17.63 8.78
CA GLY B 37 15.83 -17.17 8.64
C GLY B 37 15.90 -15.66 8.52
N SER B 38 15.12 -14.96 9.32
N SER B 38 15.12 -14.95 9.33
CA SER B 38 15.16 -13.51 9.36
CA SER B 38 15.11 -13.50 9.37
C SER B 38 16.08 -13.06 10.47
C SER B 38 15.99 -13.00 10.51
N PHE B 39 16.82 -11.98 10.23
CA PHE B 39 17.67 -11.42 11.26
C PHE B 39 17.90 -9.94 10.99
N VAL B 40 18.30 -9.23 12.04
CA VAL B 40 18.79 -7.87 11.90
C VAL B 40 19.79 -7.60 13.02
N VAL B 41 20.90 -6.95 12.67
CA VAL B 41 22.02 -6.72 13.58
C VAL B 41 22.63 -5.36 13.24
N GLY B 42 22.95 -4.57 14.25
CA GLY B 42 23.77 -3.40 14.01
C GLY B 42 23.91 -2.48 15.20
N LYS B 43 24.70 -1.43 14.99
CA LYS B 43 24.89 -0.40 15.98
C LYS B 43 24.11 0.86 15.62
N GLY B 44 23.64 1.56 16.64
CA GLY B 44 22.93 2.80 16.43
C GLY B 44 22.58 3.52 17.72
N TRP B 45 21.37 4.06 17.78
CA TRP B 45 20.93 4.90 18.88
C TRP B 45 19.68 4.32 19.55
N THR B 46 19.67 4.42 20.87
CA THR B 46 18.52 3.97 21.66
C THR B 46 17.27 4.73 21.31
N THR B 47 17.41 6.03 21.11
CA THR B 47 16.30 6.92 20.77
C THR B 47 16.58 7.50 19.39
N GLY B 48 15.81 7.09 18.40
CA GLY B 48 15.93 7.69 17.08
C GLY B 48 15.55 9.16 17.07
N SER B 49 16.01 9.85 16.04
CA SER B 49 15.68 11.25 15.80
C SER B 49 15.37 11.43 14.32
N PRO B 50 14.33 12.21 13.99
CA PRO B 50 14.08 12.58 12.60
C PRO B 50 15.07 13.59 12.04
N PHE B 51 16.01 14.05 12.86
CA PHE B 51 16.98 15.06 12.44
C PHE B 51 18.40 14.54 12.43
N ARG B 52 18.61 13.25 12.74
CA ARG B 52 19.95 12.69 12.81
C ARG B 52 20.49 12.45 11.42
N THR B 53 21.74 12.84 11.22
CA THR B 53 22.53 12.37 10.09
C THR B 53 23.32 11.17 10.55
N ILE B 54 23.01 10.00 9.98
CA ILE B 54 23.71 8.77 10.32
C ILE B 54 24.93 8.66 9.43
N ASN B 55 26.10 8.51 10.04
CA ASN B 55 27.34 8.28 9.31
C ASN B 55 27.69 6.81 9.41
N TYR B 56 28.18 6.23 8.32
CA TYR B 56 28.68 4.86 8.43
C TYR B 56 29.75 4.60 7.39
N ASN B 57 30.48 3.53 7.61
CA ASN B 57 31.47 3.05 6.66
C ASN B 57 31.40 1.54 6.71
N ALA B 58 30.93 0.93 5.63
CA ALA B 58 30.90 -0.52 5.53
C ALA B 58 32.25 -0.96 4.98
N GLY B 59 33.15 -1.36 5.87
CA GLY B 59 34.44 -1.85 5.42
C GLY B 59 34.32 -3.13 4.63
N VAL B 60 33.32 -3.95 4.94
CA VAL B 60 33.05 -5.18 4.21
C VAL B 60 31.54 -5.25 4.01
N TRP B 61 31.13 -5.44 2.76
CA TRP B 61 29.73 -5.67 2.42
C TRP B 61 29.71 -6.79 1.39
N ALA B 62 29.42 -8.01 1.85
CA ALA B 62 29.50 -9.21 1.02
C ALA B 62 28.25 -10.05 1.23
N PRO B 63 27.09 -9.53 0.85
CA PRO B 63 25.85 -10.32 0.98
C PRO B 63 25.67 -11.30 -0.16
N ASN B 64 24.91 -12.36 0.13
CA ASN B 64 24.36 -13.26 -0.86
C ASN B 64 22.88 -13.43 -0.55
N GLY B 65 22.05 -13.40 -1.59
CA GLY B 65 20.64 -13.51 -1.29
C GLY B 65 20.10 -12.21 -0.70
N TRP B 66 18.97 -12.33 0.01
CA TRP B 66 18.29 -11.15 0.54
C TRP B 66 18.96 -10.69 1.84
N GLY B 67 20.13 -10.12 1.67
CA GLY B 67 20.82 -9.42 2.75
C GLY B 67 20.94 -7.96 2.36
N ALA B 68 20.69 -7.09 3.33
CA ALA B 68 20.58 -5.67 3.03
C ALA B 68 21.34 -4.84 4.07
N LEU B 69 21.96 -3.77 3.57
CA LEU B 69 22.61 -2.74 4.39
C LEU B 69 21.63 -1.58 4.46
N ALA B 70 21.09 -1.31 5.64
CA ALA B 70 19.98 -0.37 5.73
C ALA B 70 19.93 0.31 7.08
N LEU B 71 19.53 1.57 7.07
CA LEU B 71 19.05 2.19 8.31
C LEU B 71 17.71 1.56 8.64
N VAL B 72 17.58 1.11 9.89
CA VAL B 72 16.35 0.52 10.39
C VAL B 72 15.97 1.19 11.70
N GLY B 73 14.66 1.33 11.91
CA GLY B 73 14.20 1.87 13.17
C GLY B 73 12.71 1.73 13.30
N TRP B 74 12.24 2.19 14.47
CA TRP B 74 10.83 2.19 14.82
C TRP B 74 10.42 3.50 15.47
N THR B 75 9.14 3.81 15.33
CA THR B 75 8.44 4.65 16.30
C THR B 75 7.37 3.82 17.00
N ARG B 76 6.96 4.32 18.15
CA ARG B 76 5.68 4.00 18.76
C ARG B 76 4.78 5.22 18.66
N SER B 77 3.48 5.01 18.90
N SER B 77 3.48 4.99 18.89
CA SER B 77 2.48 6.08 18.89
CA SER B 77 2.47 6.05 18.89
C SER B 77 2.46 6.81 17.55
C SER B 77 2.46 6.80 17.56
N PRO B 78 2.19 6.11 16.44
CA PRO B 78 1.90 4.67 16.40
C PRO B 78 3.11 3.81 16.13
N LEU B 79 2.94 2.49 16.28
CA LEU B 79 4.00 1.51 15.99
C LEU B 79 4.22 1.43 14.49
N ILE B 80 5.39 1.90 14.04
CA ILE B 80 5.76 1.90 12.63
C ILE B 80 7.22 1.49 12.53
N ALA B 81 7.54 0.65 11.56
CA ALA B 81 8.91 0.30 11.21
C ALA B 81 9.30 1.07 9.96
N TYR B 82 10.56 1.52 9.91
CA TYR B 82 11.05 2.19 8.71
C TYR B 82 12.42 1.65 8.32
N TYR B 83 12.73 1.83 7.04
CA TYR B 83 13.94 1.32 6.40
C TYR B 83 14.45 2.32 5.38
N VAL B 84 15.76 2.54 5.37
CA VAL B 84 16.43 3.26 4.28
C VAL B 84 17.52 2.33 3.79
N VAL B 85 17.29 1.66 2.65
CA VAL B 85 18.17 0.62 2.14
C VAL B 85 19.18 1.22 1.18
N ASP B 86 20.46 1.06 1.49
CA ASP B 86 21.52 1.56 0.61
C ASP B 86 22.13 0.49 -0.29
N SER B 87 22.21 -0.76 0.15
CA SER B 87 22.72 -1.82 -0.73
C SER B 87 22.11 -3.14 -0.28
N TRP B 88 22.28 -4.15 -1.15
CA TRP B 88 21.72 -5.48 -0.90
C TRP B 88 22.46 -6.48 -1.79
N GLY B 89 22.15 -7.76 -1.58
CA GLY B 89 22.66 -8.83 -2.44
C GLY B 89 21.74 -9.09 -3.62
N THR B 90 20.75 -9.95 -3.40
CA THR B 90 19.68 -10.19 -4.37
C THR B 90 18.37 -9.97 -3.65
N ALA B 91 17.64 -8.93 -4.05
CA ALA B 91 16.40 -8.56 -3.38
C ALA B 91 15.50 -7.89 -4.40
N ARG B 92 14.30 -8.42 -4.57
CA ARG B 92 13.36 -7.94 -5.56
C ARG B 92 12.34 -7.08 -4.82
N TRP B 93 12.53 -5.77 -4.84
CA TRP B 93 11.62 -4.86 -4.16
C TRP B 93 10.32 -4.73 -4.95
N THR B 94 9.19 -4.86 -4.24
CA THR B 94 7.88 -4.85 -4.90
C THR B 94 6.80 -4.46 -3.87
N GLY B 95 5.80 -3.71 -4.32
CA GLY B 95 4.69 -3.33 -3.46
C GLY B 95 4.17 -1.96 -3.82
N THR B 96 3.34 -1.41 -2.91
CA THR B 96 2.76 -0.11 -3.12
C THR B 96 3.88 0.94 -3.16
N TYR B 97 3.83 1.78 -4.19
CA TYR B 97 4.95 2.64 -4.59
C TYR B 97 4.46 4.08 -4.61
N LYS B 98 5.19 4.97 -3.93
CA LYS B 98 4.71 6.31 -3.65
C LYS B 98 5.45 7.41 -4.38
N GLY B 99 6.65 7.14 -4.90
CA GLY B 99 7.45 8.17 -5.52
C GLY B 99 8.90 7.99 -5.16
N THR B 100 9.68 9.07 -5.26
CA THR B 100 11.12 8.99 -5.06
C THR B 100 11.61 10.14 -4.19
N VAL B 101 12.80 9.97 -3.63
CA VAL B 101 13.47 11.01 -2.86
C VAL B 101 14.96 10.96 -3.18
N LYS B 102 15.55 12.13 -3.36
CA LYS B 102 16.98 12.28 -3.58
C LYS B 102 17.64 12.64 -2.26
N SER B 103 18.68 11.92 -1.90
CA SER B 103 19.36 12.20 -0.66
C SER B 103 20.75 11.60 -0.73
N ASP B 104 21.72 12.34 -0.22
CA ASP B 104 23.08 11.84 -0.07
C ASP B 104 23.63 11.23 -1.36
N GLY B 105 23.41 11.92 -2.46
CA GLY B 105 23.98 11.50 -3.73
C GLY B 105 23.25 10.37 -4.42
N GLY B 106 22.16 9.87 -3.84
CA GLY B 106 21.39 8.79 -4.43
C GLY B 106 19.94 9.20 -4.63
N THR B 107 19.23 8.35 -5.37
CA THR B 107 17.79 8.44 -5.51
C THR B 107 17.17 7.16 -4.99
N TYR B 108 16.07 7.31 -4.26
CA TYR B 108 15.44 6.21 -3.55
C TYR B 108 13.98 6.09 -3.96
N ASP B 109 13.55 4.85 -4.19
CA ASP B 109 12.14 4.53 -4.39
C ASP B 109 11.45 4.38 -3.04
N ILE B 110 10.22 4.94 -2.94
CA ILE B 110 9.46 4.93 -1.69
C ILE B 110 8.35 3.89 -1.78
N TYR B 111 8.30 2.98 -0.81
CA TYR B 111 7.27 1.94 -0.74
C TYR B 111 6.62 1.93 0.64
N THR B 112 5.41 1.40 0.71
CA THR B 112 4.75 1.15 1.99
C THR B 112 4.29 -0.29 1.98
N THR B 113 4.43 -0.98 3.11
CA THR B 113 3.98 -2.34 3.27
C THR B 113 3.36 -2.50 4.66
N THR B 114 2.81 -3.68 4.93
CA THR B 114 2.27 -3.99 6.24
C THR B 114 2.74 -5.39 6.61
N ARG B 115 3.10 -5.58 7.88
CA ARG B 115 3.35 -6.92 8.41
C ARG B 115 2.24 -7.32 9.37
N TYR B 116 1.87 -8.60 9.33
CA TYR B 116 0.77 -9.12 10.14
C TYR B 116 1.28 -10.20 11.07
N ASN B 117 0.91 -10.10 12.36
CA ASN B 117 1.19 -11.14 13.34
C ASN B 117 2.65 -11.57 13.30
N ALA B 118 3.52 -10.57 13.32
CA ALA B 118 4.95 -10.69 13.09
C ALA B 118 5.71 -10.07 14.25
N PRO B 119 6.99 -10.41 14.41
CA PRO B 119 7.75 -9.85 15.52
C PRO B 119 8.04 -8.36 15.35
N SER B 120 8.00 -7.64 16.46
CA SER B 120 8.31 -6.22 16.48
C SER B 120 8.89 -5.91 17.86
N ILE B 121 9.20 -4.63 18.08
CA ILE B 121 9.65 -4.20 19.39
C ILE B 121 8.55 -4.29 20.44
N ASP B 122 7.31 -4.56 20.02
CA ASP B 122 6.17 -4.70 20.92
C ASP B 122 5.79 -6.14 21.20
N GLY B 123 6.41 -7.12 20.55
CA GLY B 123 6.15 -8.51 20.86
C GLY B 123 6.32 -9.40 19.66
N ASP B 124 6.02 -10.69 19.87
CA ASP B 124 6.27 -11.71 18.86
C ASP B 124 5.22 -11.72 17.75
N ARG B 125 4.00 -11.26 18.04
CA ARG B 125 2.90 -11.32 17.07
C ARG B 125 2.16 -9.99 17.06
N THR B 126 2.63 -9.08 16.23
CA THR B 126 2.12 -7.73 16.17
C THR B 126 1.87 -7.36 14.72
N THR B 127 1.10 -6.29 14.51
CA THR B 127 0.76 -5.84 13.17
C THR B 127 1.14 -4.38 13.05
N PHE B 128 1.84 -4.03 11.97
CA PHE B 128 2.40 -2.69 11.85
C PHE B 128 2.70 -2.35 10.39
N THR B 129 2.54 -1.08 10.09
CA THR B 129 2.95 -0.49 8.82
C THR B 129 4.47 -0.40 8.72
N GLN B 130 4.97 -0.48 7.50
CA GLN B 130 6.39 -0.27 7.23
C GLN B 130 6.56 0.81 6.15
N TYR B 131 7.49 1.73 6.39
CA TYR B 131 7.89 2.74 5.40
C TYR B 131 9.28 2.41 4.86
N TRP B 132 9.43 2.53 3.55
CA TRP B 132 10.66 2.15 2.84
C TRP B 132 11.15 3.27 1.95
N SER B 133 12.45 3.55 2.03
CA SER B 133 13.21 4.16 0.94
C SER B 133 14.25 3.15 0.50
N VAL B 134 14.28 2.83 -0.79
CA VAL B 134 15.21 1.84 -1.32
C VAL B 134 16.03 2.48 -2.42
N ARG B 135 17.35 2.49 -2.29
CA ARG B 135 18.18 3.14 -3.29
C ARG B 135 17.98 2.49 -4.65
N GLN B 136 17.94 3.32 -5.70
CA GLN B 136 17.60 2.78 -7.02
C GLN B 136 18.72 1.92 -7.57
N SER B 137 19.96 2.21 -7.21
CA SER B 137 21.07 1.31 -7.46
C SER B 137 21.86 1.16 -6.17
N LYS B 138 22.63 0.08 -6.08
CA LYS B 138 23.39 -0.18 -4.86
C LYS B 138 24.44 0.90 -4.63
N ARG B 139 24.48 1.39 -3.41
CA ARG B 139 25.42 2.43 -3.05
C ARG B 139 26.82 1.83 -2.93
N PRO B 140 27.85 2.44 -3.49
CA PRO B 140 29.21 1.97 -3.24
C PRO B 140 29.51 1.96 -1.74
N THR B 141 30.26 0.95 -1.31
CA THR B 141 30.67 0.80 0.08
C THR B 141 32.19 0.95 0.19
N GLY B 142 32.66 1.15 1.43
CA GLY B 142 34.08 1.26 1.71
C GLY B 142 34.53 2.65 2.10
N SER B 143 33.73 3.66 1.83
CA SER B 143 34.05 5.03 2.19
C SER B 143 33.00 5.56 3.15
N ASN B 144 33.33 6.66 3.81
CA ASN B 144 32.38 7.30 4.70
C ASN B 144 31.15 7.70 3.92
N ALA B 145 29.99 7.42 4.49
CA ALA B 145 28.72 7.66 3.84
C ALA B 145 27.76 8.25 4.84
N THR B 146 26.88 9.14 4.38
CA THR B 146 25.86 9.72 5.22
C THR B 146 24.48 9.30 4.75
N ILE B 147 23.57 9.16 5.70
CA ILE B 147 22.14 9.10 5.43
C ILE B 147 21.51 10.26 6.17
N THR B 148 21.13 11.29 5.42
CA THR B 148 20.46 12.46 5.97
C THR B 148 19.00 12.08 6.16
N PHE B 149 18.70 11.50 7.32
CA PHE B 149 17.42 10.85 7.53
C PHE B 149 16.26 11.83 7.38
N SER B 150 16.47 13.11 7.70
CA SER B 150 15.40 14.09 7.58
C SER B 150 14.86 14.17 6.16
N ASN B 151 15.71 13.94 5.15
CA ASN B 151 15.24 13.99 3.77
C ASN B 151 14.21 12.90 3.53
N HIS B 152 14.42 11.73 4.14
CA HIS B 152 13.47 10.64 4.01
C HIS B 152 12.20 10.92 4.80
N VAL B 153 12.35 11.38 6.04
CA VAL B 153 11.19 11.73 6.87
C VAL B 153 10.30 12.70 6.11
N ASN B 154 10.89 13.73 5.53
CA ASN B 154 10.09 14.77 4.89
C ASN B 154 9.45 14.27 3.60
N ALA B 155 10.16 13.44 2.82
CA ALA B 155 9.55 12.88 1.62
C ALA B 155 8.41 11.95 1.99
N TRP B 156 8.61 11.11 2.99
CA TRP B 156 7.50 10.28 3.45
C TRP B 156 6.32 11.15 3.88
N LYS B 157 6.58 12.20 4.65
CA LYS B 157 5.50 13.09 5.08
C LYS B 157 4.73 13.65 3.89
N SER B 158 5.42 13.98 2.79
CA SER B 158 4.74 14.54 1.63
C SER B 158 3.76 13.57 1.01
N HIS B 159 3.87 12.28 1.32
CA HIS B 159 2.94 11.27 0.86
C HIS B 159 1.99 10.81 1.97
N GLY B 160 1.90 11.56 3.06
CA GLY B 160 1.02 11.18 4.16
C GLY B 160 1.57 10.10 5.05
N MET B 161 2.82 9.69 4.82
CA MET B 161 3.46 8.64 5.61
C MET B 161 4.14 9.29 6.81
N ASN B 162 3.34 9.50 7.87
CA ASN B 162 3.82 10.13 9.08
C ASN B 162 4.31 9.11 10.09
N LEU B 163 5.42 9.42 10.74
CA LEU B 163 5.98 8.56 11.76
C LEU B 163 5.38 8.91 13.13
N GLY B 164 5.55 7.97 14.08
CA GLY B 164 5.03 8.15 15.42
C GLY B 164 5.82 9.15 16.22
N SER B 165 5.29 9.49 17.40
CA SER B 165 5.90 10.52 18.23
C SER B 165 6.84 9.97 19.28
N ASN B 166 6.87 8.66 19.52
CA ASN B 166 7.70 8.02 20.54
C ASN B 166 8.80 7.23 19.82
N TRP B 167 10.02 7.75 19.85
CA TRP B 167 11.09 7.23 19.01
C TRP B 167 11.81 6.08 19.72
N ALA B 168 11.89 4.94 19.05
CA ALA B 168 12.63 3.77 19.49
C ALA B 168 13.98 3.72 18.77
N TYR B 169 14.58 2.53 18.69
CA TYR B 169 15.94 2.46 18.20
C TYR B 169 16.04 2.88 16.72
N GLN B 170 17.26 3.24 16.35
CA GLN B 170 17.59 3.73 15.02
C GLN B 170 18.99 3.23 14.72
N VAL B 171 19.12 2.27 13.81
CA VAL B 171 20.33 1.47 13.69
C VAL B 171 20.75 1.36 12.22
N MET B 172 22.04 1.45 11.98
CA MET B 172 22.58 1.16 10.65
C MET B 172 22.87 -0.33 10.65
N ALA B 173 21.99 -1.10 10.00
CA ALA B 173 21.90 -2.53 10.21
C ALA B 173 22.36 -3.35 9.00
N THR B 174 22.68 -4.60 9.31
CA THR B 174 22.75 -5.69 8.37
C THR B 174 21.53 -6.54 8.65
N ALA B 175 20.63 -6.63 7.67
CA ALA B 175 19.41 -7.39 7.81
C ALA B 175 19.30 -8.40 6.68
N GLY B 176 18.62 -9.50 6.96
CA GLY B 176 18.53 -10.51 5.94
C GLY B 176 17.39 -11.49 6.15
N TYR B 177 17.18 -12.28 5.10
CA TYR B 177 16.15 -13.31 5.08
C TYR B 177 16.65 -14.41 4.17
N GLN B 178 16.80 -15.62 4.70
CA GLN B 178 17.25 -16.77 3.90
C GLN B 178 18.47 -16.36 3.09
N SER B 179 19.49 -15.91 3.82
CA SER B 179 20.61 -15.21 3.24
C SER B 179 21.90 -15.76 3.83
N SER B 180 23.00 -15.44 3.16
N SER B 180 23.01 -15.41 3.18
N SER B 180 23.01 -15.39 3.20
CA SER B 180 24.34 -15.72 3.67
CA SER B 180 24.34 -15.74 3.66
CA SER B 180 24.34 -15.74 3.66
C SER B 180 25.24 -14.54 3.33
C SER B 180 25.27 -14.59 3.29
C SER B 180 25.28 -14.60 3.28
N GLY B 181 26.35 -14.43 4.04
CA GLY B 181 27.32 -13.41 3.72
C GLY B 181 28.10 -12.92 4.93
N SER B 182 28.69 -11.74 4.76
N SER B 182 28.74 -11.77 4.74
N SER B 182 28.71 -11.76 4.76
CA SER B 182 29.51 -11.15 5.81
CA SER B 182 29.49 -11.14 5.81
CA SER B 182 29.49 -11.16 5.83
C SER B 182 29.46 -9.63 5.67
C SER B 182 29.39 -9.63 5.68
C SER B 182 29.46 -9.64 5.67
N SER B 183 29.63 -8.95 6.80
CA SER B 183 29.66 -7.49 6.81
C SER B 183 30.52 -7.01 7.98
N ASN B 184 31.03 -5.80 7.81
CA ASN B 184 31.75 -5.09 8.88
C ASN B 184 31.43 -3.62 8.66
N VAL B 185 30.86 -2.98 9.68
CA VAL B 185 30.28 -1.66 9.53
C VAL B 185 30.58 -0.86 10.79
N THR B 186 30.99 0.40 10.61
CA THR B 186 31.20 1.34 11.69
C THR B 186 30.19 2.47 11.55
N VAL B 187 29.54 2.82 12.66
CA VAL B 187 28.42 3.74 12.69
C VAL B 187 28.72 4.86 13.68
N TRP B 188 28.45 6.09 13.27
CA TRP B 188 28.62 7.22 14.18
C TRP B 188 27.75 8.42 13.81
N MET C 4 -4.11 17.16 -3.67
CA MET C 4 -5.37 16.64 -4.28
C MET C 4 -6.60 17.18 -3.56
N SER C 5 -7.24 18.17 -4.18
N SER C 5 -7.24 18.18 -4.16
CA SER C 5 -8.46 18.75 -3.64
CA SER C 5 -8.45 18.75 -3.60
C SER C 5 -9.56 17.69 -3.58
C SER C 5 -9.56 17.71 -3.60
N THR C 6 -10.64 18.03 -2.89
CA THR C 6 -11.77 17.13 -2.78
C THR C 6 -12.40 16.91 -4.15
N ASP C 7 -13.04 15.76 -4.32
CA ASP C 7 -13.71 15.42 -5.58
C ASP C 7 -14.97 14.59 -5.35
N TYR C 8 -15.60 14.73 -4.19
CA TYR C 8 -16.76 13.94 -3.85
C TYR C 8 -17.73 14.74 -3.00
N TRP C 9 -19.03 14.64 -3.34
CA TRP C 9 -20.10 15.25 -2.57
C TRP C 9 -21.03 14.15 -2.05
N LEU C 10 -21.01 13.93 -0.74
CA LEU C 10 -21.82 12.92 -0.08
C LEU C 10 -23.07 13.60 0.47
N ASN C 11 -24.24 13.11 0.07
CA ASN C 11 -25.51 13.64 0.58
C ASN C 11 -26.47 12.46 0.74
N PHE C 12 -26.52 11.91 1.96
CA PHE C 12 -27.30 10.72 2.24
C PHE C 12 -28.22 10.94 3.43
N THR C 13 -29.48 10.54 3.26
CA THR C 13 -30.45 10.48 4.35
C THR C 13 -31.30 9.23 4.18
N ASP C 14 -31.73 8.67 5.30
CA ASP C 14 -32.69 7.58 5.24
C ASP C 14 -34.12 8.07 5.09
N GLY C 15 -34.30 9.39 4.92
CA GLY C 15 -35.59 9.96 4.68
C GLY C 15 -36.27 10.53 5.91
N GLY C 16 -35.66 10.37 7.09
CA GLY C 16 -36.26 10.91 8.31
C GLY C 16 -36.02 12.40 8.43
N GLY C 17 -37.08 13.15 8.75
CA GLY C 17 -36.98 14.56 9.02
C GLY C 17 -36.43 15.31 7.83
N ILE C 18 -35.72 16.40 8.12
CA ILE C 18 -35.24 17.35 7.13
C ILE C 18 -33.72 17.33 7.15
N VAL C 19 -33.10 17.11 6.00
CA VAL C 19 -31.65 17.24 5.85
C VAL C 19 -31.45 18.12 4.62
N ASN C 20 -31.27 19.44 4.85
CA ASN C 20 -31.10 20.44 3.80
C ASN C 20 -29.61 20.73 3.66
N ALA C 21 -29.00 20.16 2.63
CA ALA C 21 -27.56 20.26 2.44
C ALA C 21 -27.26 21.05 1.18
N VAL C 22 -26.21 21.87 1.23
CA VAL C 22 -25.79 22.70 0.11
C VAL C 22 -24.38 22.30 -0.30
N ASN C 23 -24.23 21.95 -1.56
CA ASN C 23 -22.95 21.67 -2.21
C ASN C 23 -22.34 23.02 -2.56
N GLY C 24 -21.45 23.50 -1.71
CA GLY C 24 -20.85 24.81 -1.85
C GLY C 24 -19.68 24.82 -2.81
N SER C 25 -19.01 25.97 -2.85
CA SER C 25 -17.86 26.14 -3.72
C SER C 25 -16.66 25.35 -3.19
N GLY C 26 -15.93 24.72 -4.10
CA GLY C 26 -14.74 23.98 -3.69
C GLY C 26 -15.05 22.87 -2.72
N GLY C 27 -14.39 22.91 -1.56
CA GLY C 27 -14.63 21.93 -0.52
C GLY C 27 -15.63 22.34 0.51
N ASN C 28 -16.41 23.38 0.26
CA ASN C 28 -17.34 23.93 1.22
C ASN C 28 -18.70 23.27 1.08
N TYR C 29 -19.37 23.14 2.20
CA TYR C 29 -20.75 22.69 2.21
C TYR C 29 -21.40 23.18 3.50
N SER C 30 -22.73 23.14 3.52
CA SER C 30 -23.50 23.48 4.70
C SER C 30 -24.64 22.48 4.83
N VAL C 31 -25.11 22.32 6.06
CA VAL C 31 -26.22 21.44 6.35
C VAL C 31 -27.07 22.08 7.43
N ASN C 32 -28.38 22.07 7.23
CA ASN C 32 -29.34 22.39 8.29
C ASN C 32 -30.32 21.23 8.36
N TRP C 33 -30.46 20.63 9.55
CA TRP C 33 -31.17 19.38 9.69
C TRP C 33 -32.06 19.44 10.92
N SER C 34 -33.12 18.63 10.91
N SER C 34 -33.13 18.66 10.90
CA SER C 34 -34.10 18.68 11.98
CA SER C 34 -34.06 18.66 12.02
C SER C 34 -34.80 17.34 12.11
C SER C 34 -34.79 17.34 12.11
N ASN C 35 -34.92 16.85 13.35
CA ASN C 35 -35.66 15.64 13.66
C ASN C 35 -35.33 14.50 12.71
N THR C 36 -34.03 14.26 12.53
CA THR C 36 -33.62 13.37 11.45
C THR C 36 -33.78 11.92 11.86
N GLY C 37 -33.68 11.05 10.86
CA GLY C 37 -33.28 9.68 11.10
C GLY C 37 -31.78 9.65 10.98
N SER C 38 -31.27 8.70 10.21
N SER C 38 -31.26 8.69 10.24
CA SER C 38 -29.86 8.53 9.93
CA SER C 38 -29.84 8.58 9.95
C SER C 38 -29.50 9.37 8.69
C SER C 38 -29.51 9.39 8.72
N PHE C 39 -28.40 10.12 8.77
CA PHE C 39 -27.94 10.90 7.62
C PHE C 39 -26.44 11.16 7.74
N VAL C 40 -25.80 11.39 6.59
CA VAL C 40 -24.41 11.83 6.55
C VAL C 40 -24.21 12.67 5.30
N VAL C 41 -23.53 13.80 5.47
CA VAL C 41 -23.30 14.78 4.42
C VAL C 41 -21.88 15.29 4.53
N GLY C 42 -21.19 15.45 3.41
CA GLY C 42 -20.00 16.26 3.41
C GLY C 42 -19.21 16.19 2.13
N LYS C 43 -18.10 16.94 2.12
CA LYS C 43 -17.18 16.91 1.00
C LYS C 43 -15.97 16.05 1.33
N GLY C 44 -15.47 15.38 0.31
CA GLY C 44 -14.30 14.57 0.48
C GLY C 44 -13.77 13.97 -0.81
N TRP C 45 -13.35 12.72 -0.73
CA TRP C 45 -12.67 12.05 -1.83
C TRP C 45 -13.41 10.79 -2.22
N THR C 46 -13.47 10.58 -3.54
CA THR C 46 -14.12 9.40 -4.09
C THR C 46 -13.45 8.10 -3.65
N THR C 47 -12.12 8.10 -3.60
CA THR C 47 -11.35 6.93 -3.20
C THR C 47 -10.50 7.30 -2.00
N GLY C 48 -10.83 6.71 -0.84
CA GLY C 48 -10.06 6.97 0.35
C GLY C 48 -8.66 6.40 0.26
N SER C 49 -7.79 6.96 1.11
CA SER C 49 -6.40 6.59 1.22
C SER C 49 -6.09 6.49 2.70
N PRO C 50 -5.36 5.44 3.14
CA PRO C 50 -4.92 5.37 4.53
C PRO C 50 -3.79 6.32 4.86
N PHE C 51 -3.33 7.12 3.89
CA PHE C 51 -2.33 8.15 4.12
C PHE C 51 -2.87 9.54 3.81
N ARG C 52 -4.20 9.66 3.70
CA ARG C 52 -4.84 10.95 3.47
C ARG C 52 -4.56 11.89 4.64
N THR C 53 -4.30 13.15 4.33
CA THR C 53 -4.27 14.22 5.30
C THR C 53 -5.47 15.11 5.03
N ILE C 54 -6.44 15.10 5.93
CA ILE C 54 -7.67 15.86 5.76
C ILE C 54 -7.55 17.17 6.50
N ASN C 55 -7.80 18.27 5.79
CA ASN C 55 -7.82 19.59 6.39
C ASN C 55 -9.25 20.13 6.33
N TYR C 56 -9.68 20.81 7.38
CA TYR C 56 -11.04 21.35 7.35
C TYR C 56 -11.14 22.54 8.29
N ASN C 57 -12.19 23.33 8.08
CA ASN C 57 -12.53 24.43 8.96
C ASN C 57 -14.05 24.46 9.07
N ALA C 58 -14.57 24.15 10.27
CA ALA C 58 -16.01 24.18 10.50
C ALA C 58 -16.35 25.57 11.04
N GLY C 59 -16.79 26.47 10.16
CA GLY C 59 -17.14 27.81 10.59
C GLY C 59 -18.45 27.89 11.36
N VAL C 60 -19.36 26.95 11.12
CA VAL C 60 -20.58 26.81 11.91
C VAL C 60 -20.62 25.37 12.37
N TRP C 61 -20.72 25.17 13.67
CA TRP C 61 -20.89 23.81 14.20
C TRP C 61 -21.85 23.91 15.39
N ALA C 62 -23.11 23.52 15.16
CA ALA C 62 -24.21 23.73 16.12
C ALA C 62 -25.12 22.51 16.13
N PRO C 63 -24.60 21.38 16.57
CA PRO C 63 -25.41 20.15 16.63
C PRO C 63 -26.25 20.06 17.90
N ASN C 64 -27.35 19.31 17.79
CA ASN C 64 -28.16 18.87 18.91
C ASN C 64 -28.37 17.37 18.84
N GLY C 65 -28.20 16.69 19.98
CA GLY C 65 -28.37 15.25 19.97
C GLY C 65 -27.16 14.61 19.32
N TRP C 66 -27.38 13.41 18.76
CA TRP C 66 -26.28 12.63 18.19
C TRP C 66 -25.98 13.12 16.78
N GLY C 67 -25.44 14.33 16.70
CA GLY C 67 -24.88 14.87 15.49
C GLY C 67 -23.39 15.04 15.69
N ALA C 68 -22.61 14.67 14.67
CA ALA C 68 -21.17 14.59 14.83
C ALA C 68 -20.47 15.19 13.63
N LEU C 69 -19.32 15.80 13.94
CA LEU C 69 -18.37 16.31 12.97
C LEU C 69 -17.20 15.31 12.92
N ALA C 70 -17.04 14.62 11.80
CA ALA C 70 -16.21 13.44 11.77
C ALA C 70 -15.74 13.12 10.35
N LEU C 71 -14.53 12.64 10.26
CA LEU C 71 -14.10 11.93 9.07
C LEU C 71 -14.84 10.60 9.03
N VAL C 72 -15.51 10.34 7.91
CA VAL C 72 -16.24 9.10 7.71
C VAL C 72 -15.77 8.46 6.41
N GLY C 73 -15.74 7.13 6.40
CA GLY C 73 -15.38 6.45 5.17
C GLY C 73 -15.74 4.99 5.24
N TRP C 74 -15.47 4.30 4.13
CA TRP C 74 -15.72 2.87 4.01
C TRP C 74 -14.58 2.18 3.29
N THR C 75 -14.36 0.91 3.64
CA THR C 75 -13.69 -0.03 2.76
C THR C 75 -14.62 -1.18 2.46
N ARG C 76 -14.31 -1.88 1.36
CA ARG C 76 -14.87 -3.20 1.08
C ARG C 76 -13.75 -4.22 1.16
N SER C 77 -14.14 -5.49 1.23
CA SER C 77 -13.20 -6.61 1.28
C SER C 77 -12.25 -6.51 2.46
N PRO C 78 -12.75 -6.50 3.70
CA PRO C 78 -14.16 -6.61 4.08
C PRO C 78 -14.86 -5.26 4.22
N LEU C 79 -16.19 -5.30 4.29
CA LEU C 79 -17.00 -4.10 4.42
C LEU C 79 -16.85 -3.56 5.84
N ILE C 80 -16.23 -2.38 5.93
CA ILE C 80 -15.96 -1.73 7.20
C ILE C 80 -16.24 -0.25 7.04
N ALA C 81 -17.01 0.30 7.96
CA ALA C 81 -17.14 1.74 8.10
C ALA C 81 -16.16 2.24 9.14
N TYR C 82 -15.57 3.42 8.90
CA TYR C 82 -14.68 4.01 9.90
C TYR C 82 -15.03 5.47 10.17
N TYR C 83 -14.67 5.90 11.39
CA TYR C 83 -14.99 7.23 11.87
C TYR C 83 -13.82 7.82 12.64
N VAL C 84 -13.51 9.09 12.40
CA VAL C 84 -12.64 9.87 13.27
C VAL C 84 -13.46 11.06 13.73
N VAL C 85 -13.93 11.01 14.98
CA VAL C 85 -14.92 11.96 15.47
C VAL C 85 -14.20 13.06 16.24
N ASP C 86 -14.37 14.30 15.78
CA ASP C 86 -13.75 15.45 16.42
C ASP C 86 -14.69 16.23 17.33
N SER C 87 -15.98 16.30 17.00
CA SER C 87 -16.94 16.97 17.87
C SER C 87 -18.32 16.38 17.64
N TRP C 88 -19.24 16.76 18.52
CA TRP C 88 -20.57 16.18 18.55
C TRP C 88 -21.43 17.07 19.45
N GLY C 89 -22.73 16.75 19.50
CA GLY C 89 -23.66 17.45 20.35
C GLY C 89 -23.79 16.73 21.69
N THR C 90 -24.69 15.75 21.74
CA THR C 90 -24.81 14.86 22.89
C THR C 90 -24.68 13.43 22.38
N ALA C 91 -23.64 12.74 22.85
CA ALA C 91 -23.34 11.38 22.43
C ALA C 91 -22.54 10.69 23.52
N ARG C 92 -23.02 9.53 23.96
CA ARG C 92 -22.37 8.74 24.99
C ARG C 92 -21.73 7.55 24.30
N TRP C 93 -20.43 7.63 24.08
CA TRP C 93 -19.70 6.64 23.32
C TRP C 93 -19.45 5.41 24.19
N THR C 94 -19.72 4.22 23.65
CA THR C 94 -19.69 3.01 24.45
C THR C 94 -19.52 1.80 23.52
N GLY C 95 -18.75 0.81 23.95
CA GLY C 95 -18.58 -0.42 23.20
C GLY C 95 -17.19 -1.00 23.42
N THR C 96 -16.80 -1.90 22.51
CA THR C 96 -15.49 -2.53 22.62
C THR C 96 -14.42 -1.46 22.50
N TYR C 97 -13.48 -1.47 23.43
CA TYR C 97 -12.50 -0.41 23.58
C TYR C 97 -11.10 -0.98 23.46
N LYS C 98 -10.29 -0.38 22.57
CA LYS C 98 -9.02 -0.98 22.16
C LYS C 98 -7.79 -0.19 22.60
N GLY C 99 -7.94 1.07 22.99
CA GLY C 99 -6.82 1.89 23.36
C GLY C 99 -7.03 3.30 22.88
N THR C 100 -5.92 4.03 22.79
CA THR C 100 -5.95 5.43 22.41
C THR C 100 -4.93 5.69 21.31
N VAL C 101 -5.17 6.77 20.58
CA VAL C 101 -4.21 7.27 19.60
C VAL C 101 -4.15 8.79 19.73
N LYS C 102 -2.94 9.33 19.74
CA LYS C 102 -2.71 10.76 19.77
C LYS C 102 -2.48 11.22 18.33
N SER C 103 -3.18 12.27 17.92
CA SER C 103 -3.02 12.81 16.59
C SER C 103 -3.51 14.25 16.59
N ASP C 104 -2.77 15.13 15.94
CA ASP C 104 -3.24 16.48 15.64
C ASP C 104 -3.67 17.23 16.89
N GLY C 105 -2.90 17.08 17.97
CA GLY C 105 -3.16 17.83 19.18
C GLY C 105 -4.24 17.27 20.06
N GLY C 106 -4.85 16.14 19.67
CA GLY C 106 -5.88 15.51 20.46
C GLY C 106 -5.49 14.08 20.81
N THR C 107 -6.25 13.52 21.74
CA THR C 107 -6.16 12.10 22.08
C THR C 107 -7.53 11.50 21.79
N TYR C 108 -7.53 10.33 21.16
CA TYR C 108 -8.75 9.68 20.71
C TYR C 108 -8.87 8.30 21.33
N ASP C 109 -10.06 8.00 21.82
CA ASP C 109 -10.40 6.65 22.24
C ASP C 109 -10.80 5.80 21.04
N ILE C 110 -10.29 4.58 21.01
CA ILE C 110 -10.49 3.68 19.87
C ILE C 110 -11.58 2.68 20.24
N TYR C 111 -12.61 2.59 19.41
CA TYR C 111 -13.68 1.61 19.60
C TYR C 111 -13.95 0.78 18.35
N THR C 112 -14.54 -0.39 18.55
N THR C 112 -14.61 -0.35 18.55
CA THR C 112 -15.11 -1.16 17.45
CA THR C 112 -15.11 -1.15 17.45
C THR C 112 -16.54 -1.53 17.81
C THR C 112 -16.53 -1.59 17.79
N THR C 113 -17.41 -1.51 16.79
CA THR C 113 -18.81 -1.92 16.93
C THR C 113 -19.19 -2.72 15.69
N THR C 114 -20.33 -3.40 15.76
CA THR C 114 -20.84 -4.18 14.64
C THR C 114 -22.31 -3.83 14.41
N ARG C 115 -22.68 -3.73 13.14
CA ARG C 115 -24.07 -3.56 12.73
C ARG C 115 -24.49 -4.79 11.94
N TYR C 116 -25.75 -5.18 12.13
CA TYR C 116 -26.35 -6.30 11.42
C TYR C 116 -27.61 -5.83 10.73
N ASN C 117 -27.81 -6.27 9.49
CA ASN C 117 -29.03 -5.95 8.75
C ASN C 117 -29.30 -4.44 8.72
N ALA C 118 -28.25 -3.67 8.50
CA ALA C 118 -28.30 -2.22 8.53
C ALA C 118 -27.88 -1.64 7.18
N PRO C 119 -28.27 -0.40 6.88
CA PRO C 119 -27.88 0.20 5.60
C PRO C 119 -26.38 0.45 5.52
N SER C 120 -25.86 0.30 4.29
CA SER C 120 -24.46 0.61 4.02
C SER C 120 -24.34 1.00 2.56
N ILE C 121 -23.10 1.22 2.12
CA ILE C 121 -22.88 1.47 0.71
C ILE C 121 -23.18 0.24 -0.15
N ASP C 122 -23.36 -0.92 0.47
CA ASP C 122 -23.66 -2.15 -0.26
C ASP C 122 -25.13 -2.51 -0.30
N GLY C 123 -25.99 -1.79 0.41
CA GLY C 123 -27.41 -2.08 0.36
C GLY C 123 -28.07 -1.66 1.66
N ASP C 124 -29.37 -1.91 1.72
CA ASP C 124 -30.15 -1.49 2.87
C ASP C 124 -30.05 -2.47 4.04
N ARG C 125 -29.68 -3.72 3.81
CA ARG C 125 -29.69 -4.75 4.84
C ARG C 125 -28.37 -5.52 4.77
N THR C 126 -27.36 -5.01 5.47
CA THR C 126 -26.01 -5.57 5.39
C THR C 126 -25.39 -5.64 6.78
N THR C 127 -24.33 -6.43 6.89
CA THR C 127 -23.59 -6.59 8.14
C THR C 127 -22.18 -6.09 7.95
N PHE C 128 -21.71 -5.27 8.88
CA PHE C 128 -20.37 -4.71 8.76
C PHE C 128 -19.88 -4.29 10.14
N THR C 129 -18.55 -4.22 10.25
N THR C 129 -18.55 -4.23 10.27
CA THR C 129 -17.88 -3.72 11.44
CA THR C 129 -17.93 -3.70 11.47
C THR C 129 -17.65 -2.22 11.28
C THR C 129 -17.63 -2.22 11.28
N GLN C 130 -17.52 -1.52 12.41
CA GLN C 130 -17.23 -0.10 12.42
C GLN C 130 -16.01 0.14 13.30
N TYR C 131 -15.08 0.93 12.78
CA TYR C 131 -13.87 1.33 13.50
C TYR C 131 -14.01 2.81 13.89
N TRP C 132 -13.64 3.14 15.12
CA TRP C 132 -13.86 4.47 15.67
C TRP C 132 -12.59 5.01 16.31
N SER C 133 -12.28 6.26 16.02
CA SER C 133 -11.47 7.11 16.89
C SER C 133 -12.34 8.26 17.33
N VAL C 134 -12.57 8.38 18.64
CA VAL C 134 -13.40 9.44 19.19
C VAL C 134 -12.54 10.33 20.09
N ARG C 135 -12.46 11.61 19.75
CA ARG C 135 -11.66 12.52 20.55
C ARG C 135 -12.14 12.52 21.99
N GLN C 136 -11.20 12.49 22.94
CA GLN C 136 -11.56 12.38 24.35
C GLN C 136 -12.27 13.61 24.86
N SER C 137 -12.02 14.76 24.23
N SER C 137 -12.05 14.76 24.22
CA SER C 137 -12.76 16.00 24.45
CA SER C 137 -12.81 15.97 24.46
C SER C 137 -13.12 16.56 23.09
C SER C 137 -13.12 16.57 23.10
N LYS C 138 -14.20 17.34 23.04
CA LYS C 138 -14.62 17.95 21.78
C LYS C 138 -13.55 18.91 21.26
N ARG C 139 -13.25 18.81 19.98
CA ARG C 139 -12.27 19.67 19.36
C ARG C 139 -12.85 21.06 19.16
N PRO C 140 -12.12 22.13 19.49
CA PRO C 140 -12.60 23.46 19.13
C PRO C 140 -12.81 23.57 17.62
N THR C 141 -13.85 24.31 17.23
CA THR C 141 -14.15 24.53 15.83
C THR C 141 -14.00 26.01 15.50
N GLY C 142 -13.84 26.31 14.20
CA GLY C 142 -13.76 27.67 13.70
C GLY C 142 -12.41 28.05 13.16
N SER C 143 -11.40 27.23 13.39
CA SER C 143 -10.08 27.43 12.81
C SER C 143 -9.68 26.22 12.00
N ASN C 144 -8.63 26.39 11.21
CA ASN C 144 -8.17 25.32 10.36
C ASN C 144 -7.70 24.15 11.22
N ALA C 145 -8.12 22.96 10.85
CA ALA C 145 -7.83 21.74 11.59
C ALA C 145 -7.40 20.64 10.64
N THR C 146 -6.60 19.71 11.17
CA THR C 146 -6.13 18.59 10.36
C THR C 146 -6.45 17.28 11.05
N ILE C 147 -6.86 16.29 10.26
CA ILE C 147 -6.88 14.89 10.68
C ILE C 147 -5.83 14.18 9.85
N THR C 148 -4.74 13.79 10.49
CA THR C 148 -3.65 13.03 9.89
C THR C 148 -4.04 11.55 9.94
N PHE C 149 -4.69 11.09 8.87
CA PHE C 149 -5.36 9.80 8.94
C PHE C 149 -4.38 8.64 9.11
N SER C 150 -3.14 8.75 8.62
CA SER C 150 -2.19 7.64 8.81
C SER C 150 -2.02 7.27 10.29
N ASN C 151 -2.10 8.25 11.18
CA ASN C 151 -1.97 7.94 12.60
C ASN C 151 -3.09 7.01 13.05
N HIS C 152 -4.31 7.25 12.56
CA HIS C 152 -5.43 6.42 12.98
C HIS C 152 -5.33 5.03 12.38
N VAL C 153 -5.08 4.94 11.07
CA VAL C 153 -4.98 3.64 10.40
C VAL C 153 -3.85 2.82 11.00
N ASN C 154 -2.71 3.47 11.24
CA ASN C 154 -1.55 2.73 11.73
C ASN C 154 -1.77 2.28 13.17
N ALA C 155 -2.39 3.13 13.98
CA ALA C 155 -2.73 2.75 15.35
C ALA C 155 -3.76 1.63 15.35
N TRP C 156 -4.82 1.79 14.57
CA TRP C 156 -5.85 0.75 14.51
C TRP C 156 -5.26 -0.60 14.19
N LYS C 157 -4.39 -0.68 13.17
CA LYS C 157 -3.94 -2.01 12.78
C LYS C 157 -3.02 -2.62 13.85
N SER C 158 -2.32 -1.80 14.64
CA SER C 158 -1.52 -2.35 15.72
C SER C 158 -2.38 -2.93 16.84
N HIS C 159 -3.68 -2.59 16.88
CA HIS C 159 -4.64 -3.22 17.78
C HIS C 159 -5.48 -4.28 17.08
N GLY C 160 -5.03 -4.77 15.93
CA GLY C 160 -5.75 -5.81 15.24
C GLY C 160 -6.92 -5.35 14.41
N MET C 161 -7.05 -4.04 14.19
CA MET C 161 -8.14 -3.46 13.40
C MET C 161 -7.59 -3.16 12.01
N ASN C 162 -7.70 -4.14 11.11
CA ASN C 162 -7.30 -3.99 9.71
C ASN C 162 -8.48 -3.55 8.85
N LEU C 163 -8.26 -2.55 8.01
CA LEU C 163 -9.27 -2.12 7.06
C LEU C 163 -9.24 -2.99 5.81
N GLY C 164 -10.32 -2.90 5.05
CA GLY C 164 -10.41 -3.64 3.79
C GLY C 164 -9.48 -3.10 2.74
N SER C 165 -9.36 -3.89 1.67
CA SER C 165 -8.42 -3.58 0.60
C SER C 165 -8.99 -2.62 -0.44
N ASN C 166 -10.32 -2.48 -0.53
CA ASN C 166 -10.98 -1.72 -1.59
C ASN C 166 -11.60 -0.47 -0.96
N TRP C 167 -11.01 0.68 -1.23
CA TRP C 167 -11.37 1.91 -0.56
C TRP C 167 -12.50 2.62 -1.30
N ALA C 168 -13.54 3.00 -0.54
CA ALA C 168 -14.66 3.77 -1.07
C ALA C 168 -14.50 5.22 -0.63
N TYR C 169 -15.60 5.95 -0.44
CA TYR C 169 -15.48 7.38 -0.21
C TYR C 169 -14.88 7.65 1.17
N GLN C 170 -14.40 8.87 1.32
CA GLN C 170 -13.65 9.33 2.49
C GLN C 170 -13.96 10.81 2.61
N VAL C 171 -14.78 11.16 3.60
CA VAL C 171 -15.44 12.47 3.64
C VAL C 171 -15.32 13.09 5.02
N MET C 172 -15.11 14.42 5.05
CA MET C 172 -15.20 15.16 6.32
C MET C 172 -16.64 15.60 6.48
N ALA C 173 -17.39 14.88 7.31
CA ALA C 173 -18.84 14.89 7.28
C ALA C 173 -19.47 15.52 8.51
N THR C 174 -20.72 15.96 8.28
CA THR C 174 -21.73 16.10 9.32
C THR C 174 -22.58 14.83 9.27
N ALA C 175 -22.55 14.06 10.33
CA ALA C 175 -23.28 12.80 10.40
C ALA C 175 -24.20 12.84 11.61
N GLY C 176 -25.38 12.25 11.49
CA GLY C 176 -26.32 12.35 12.58
C GLY C 176 -27.34 11.23 12.64
N TYR C 177 -27.93 11.10 13.81
CA TYR C 177 -29.03 10.17 14.07
C TYR C 177 -29.95 10.82 15.08
N GLN C 178 -31.22 11.02 14.70
CA GLN C 178 -32.21 11.63 15.58
C GLN C 178 -31.70 12.95 16.16
N SER C 179 -31.34 13.84 15.24
CA SER C 179 -30.55 15.03 15.53
C SER C 179 -31.18 16.22 14.82
N SER C 180 -30.85 17.41 15.32
CA SER C 180 -31.17 18.68 14.66
C SER C 180 -29.93 19.55 14.78
N GLY C 181 -29.76 20.47 13.85
CA GLY C 181 -28.65 21.40 13.97
C GLY C 181 -28.28 22.08 12.66
N SER C 182 -27.13 22.74 12.71
CA SER C 182 -26.57 23.43 11.55
C SER C 182 -25.07 23.25 11.54
N SER C 183 -24.51 23.12 10.34
CA SER C 183 -23.07 23.07 10.19
C SER C 183 -22.70 23.78 8.90
N ASN C 184 -21.46 24.27 8.87
CA ASN C 184 -20.88 24.83 7.66
C ASN C 184 -19.39 24.52 7.72
N VAL C 185 -18.89 23.80 6.73
CA VAL C 185 -17.57 23.17 6.83
C VAL C 185 -16.89 23.29 5.47
N THR C 186 -15.61 23.64 5.48
CA THR C 186 -14.81 23.63 4.27
C THR C 186 -13.71 22.59 4.41
N VAL C 187 -13.51 21.80 3.36
CA VAL C 187 -12.65 20.62 3.38
C VAL C 187 -11.62 20.74 2.26
N TRP C 188 -10.37 20.37 2.56
CA TRP C 188 -9.35 20.34 1.52
C TRP C 188 -8.20 19.42 1.88
#